data_5LZK
#
_entry.id   5LZK
#
_cell.length_a   37.498
_cell.length_b   73.959
_cell.length_c   63.081
_cell.angle_alpha   90.00
_cell.angle_beta   96.19
_cell.angle_gamma   90.00
#
_symmetry.space_group_name_H-M   'P 1 21 1'
#
loop_
_entity.id
_entity.type
_entity.pdbx_description
1 polymer 'Protein FAM83B'
2 non-polymer 'IODIDE ION'
3 non-polymer 1,2-ETHANEDIOL
4 water water
#
_entity_poly.entity_id   1
_entity_poly.type   'polypeptide(L)'
_entity_poly.pdbx_seq_one_letter_code
;SMGGTHIDLLFHPPRAHLLTIKETIRKMIKEARKVIALVMDIFTDVDIFKEIVEASTRGVSVYILLDESNFNHFLNMTEK
QGCSVQRLRNIRVRTVKGQDYLSKTGAKFHGKMEQKFLLVDCQKVMYGSYSYMWSFEKAHLSMVQIITGQLVESFDEEFR
TLYARSCVPSSFAQEESARV
;
_entity_poly.pdbx_strand_id   A,B
#
loop_
_chem_comp.id
_chem_comp.type
_chem_comp.name
_chem_comp.formula
EDO non-polymer 1,2-ETHANEDIOL 'C2 H6 O2'
IOD non-polymer 'IODIDE ION' 'I -1'
#
# COMPACT_ATOMS: atom_id res chain seq x y z
N GLY A 4 -18.45 -11.35 10.53
CA GLY A 4 -19.40 -10.32 10.15
C GLY A 4 -18.83 -9.31 9.18
N THR A 5 -17.62 -9.57 8.69
CA THR A 5 -16.91 -8.66 7.78
C THR A 5 -17.15 -8.99 6.30
N HIS A 6 -17.44 -7.98 5.48
CA HIS A 6 -17.48 -8.18 4.02
C HIS A 6 -16.45 -7.32 3.32
N ILE A 7 -15.74 -7.91 2.36
CA ILE A 7 -14.72 -7.21 1.58
C ILE A 7 -14.91 -7.40 0.09
N ASP A 8 -14.90 -6.29 -0.67
CA ASP A 8 -14.84 -6.32 -2.15
C ASP A 8 -13.53 -5.72 -2.63
N LEU A 9 -13.04 -6.12 -3.79
CA LEU A 9 -11.83 -5.53 -4.40
C LEU A 9 -12.17 -4.60 -5.57
N LEU A 10 -11.44 -3.48 -5.71
CA LEU A 10 -11.49 -2.59 -6.89
C LEU A 10 -10.05 -2.35 -7.38
N PHE A 11 -9.89 -2.24 -8.70
CA PHE A 11 -8.60 -2.01 -9.34
C PHE A 11 -8.56 -0.71 -10.11
N HIS A 12 -7.37 -0.14 -10.30
CA HIS A 12 -7.18 0.90 -11.31
C HIS A 12 -5.95 0.58 -12.19
N PRO A 13 -6.13 0.55 -13.53
CA PRO A 13 -7.36 0.74 -14.30
C PRO A 13 -8.43 -0.26 -13.88
N PRO A 14 -9.72 0.11 -14.06
CA PRO A 14 -10.81 -0.75 -13.62
C PRO A 14 -10.92 -2.06 -14.38
N ARG A 15 -11.41 -3.10 -13.71
CA ARG A 15 -11.58 -4.41 -14.34
C ARG A 15 -13.07 -4.57 -14.62
N ALA A 16 -13.77 -5.52 -14.02
CA ALA A 16 -15.18 -5.75 -14.36
C ALA A 16 -16.18 -4.79 -13.68
N HIS A 17 -15.76 -4.16 -12.59
CA HIS A 17 -16.63 -3.31 -11.79
C HIS A 17 -17.00 -1.99 -12.50
N LEU A 18 -18.21 -1.50 -12.22
CA LEU A 18 -18.79 -0.32 -12.88
C LEU A 18 -18.00 0.97 -12.67
N LEU A 19 -17.68 1.25 -11.39
CA LEU A 19 -17.03 2.50 -11.00
C LEU A 19 -15.50 2.41 -10.89
N THR A 20 -14.83 3.53 -11.15
CA THR A 20 -13.40 3.62 -10.84
C THR A 20 -13.20 3.81 -9.33
N ILE A 21 -11.97 3.57 -8.86
CA ILE A 21 -11.61 3.83 -7.47
C ILE A 21 -11.93 5.31 -7.12
N LYS A 22 -11.52 6.25 -7.97
CA LYS A 22 -11.80 7.69 -7.69
C LYS A 22 -13.31 7.97 -7.61
N GLU A 23 -14.11 7.41 -8.53
CA GLU A 23 -15.56 7.59 -8.42
C GLU A 23 -16.13 6.98 -7.12
N THR A 24 -15.54 5.86 -6.64
CA THR A 24 -16.01 5.23 -5.41
C THR A 24 -15.62 6.07 -4.19
N ILE A 25 -14.45 6.72 -4.22
CA ILE A 25 -14.05 7.63 -3.15
C ILE A 25 -15.08 8.77 -3.05
N ARG A 26 -15.42 9.36 -4.21
CA ARG A 26 -16.40 10.48 -4.22
C ARG A 26 -17.75 10.04 -3.63
N LYS A 27 -18.23 8.87 -4.01
CA LYS A 27 -19.46 8.30 -3.46
C LYS A 27 -19.41 8.14 -1.93
N MET A 28 -18.31 7.61 -1.40
CA MET A 28 -18.20 7.43 0.04
C MET A 28 -18.26 8.77 0.80
N ILE A 29 -17.65 9.79 0.24
CA ILE A 29 -17.65 11.10 0.87
C ILE A 29 -19.04 11.75 0.78
N LYS A 30 -19.69 11.64 -0.38
CA LYS A 30 -21.05 12.19 -0.52
C LYS A 30 -22.06 11.55 0.43
N GLU A 31 -21.84 10.28 0.74
CA GLU A 31 -22.75 9.51 1.59
C GLU A 31 -22.44 9.67 3.10
N ALA A 32 -21.39 10.40 3.45
CA ALA A 32 -21.03 10.63 4.87
C ALA A 32 -22.11 11.47 5.58
N ARG A 33 -22.50 11.07 6.79
CA ARG A 33 -23.52 11.77 7.57
C ARG A 33 -22.95 12.46 8.80
N LYS A 34 -21.83 11.95 9.32
CA LYS A 34 -21.31 12.36 10.63
C LYS A 34 -19.83 12.71 10.64
N VAL A 35 -19.00 11.76 10.21
CA VAL A 35 -17.56 11.89 10.32
C VAL A 35 -16.84 11.27 9.10
N ILE A 36 -15.81 11.99 8.63
CA ILE A 36 -14.83 11.45 7.68
C ILE A 36 -13.44 11.45 8.31
N ALA A 37 -12.77 10.30 8.28
CA ALA A 37 -11.41 10.15 8.77
C ALA A 37 -10.50 9.59 7.67
N LEU A 38 -9.48 10.36 7.30
CA LEU A 38 -8.63 10.04 6.16
C LEU A 38 -7.17 9.97 6.60
N VAL A 39 -6.49 8.89 6.23
CA VAL A 39 -5.04 8.74 6.39
C VAL A 39 -4.44 8.63 4.98
N MET A 40 -3.48 9.49 4.63
CA MET A 40 -3.01 9.55 3.27
C MET A 40 -1.56 10.02 3.17
N ASP A 41 -0.81 9.47 2.22
CA ASP A 41 0.61 9.83 2.14
C ASP A 41 0.88 11.08 1.28
N ILE A 42 0.19 11.22 0.13
CA ILE A 42 0.28 12.42 -0.72
C ILE A 42 -1.15 12.76 -1.19
N PHE A 43 -1.57 14.02 -1.06
CA PHE A 43 -2.95 14.43 -1.42
C PHE A 43 -2.91 15.72 -2.26
N THR A 44 -3.02 15.57 -3.59
CA THR A 44 -3.06 16.71 -4.50
C THR A 44 -4.26 16.69 -5.48
N ASP A 45 -5.18 15.73 -5.33
CA ASP A 45 -6.32 15.62 -6.26
C ASP A 45 -7.38 16.67 -5.91
N VAL A 46 -7.60 17.63 -6.80
CA VAL A 46 -8.49 18.77 -6.48
C VAL A 46 -9.96 18.36 -6.39
N ASP A 47 -10.38 17.39 -7.20
CA ASP A 47 -11.77 16.91 -7.20
C ASP A 47 -12.16 16.24 -5.89
N ILE A 48 -11.29 15.38 -5.37
CA ILE A 48 -11.54 14.74 -4.09
C ILE A 48 -11.52 15.78 -2.95
N PHE A 49 -10.56 16.70 -3.00
CA PHE A 49 -10.53 17.80 -2.02
C PHE A 49 -11.85 18.59 -2.02
N LYS A 50 -12.38 18.89 -3.21
CA LYS A 50 -13.61 19.71 -3.27
C LYS A 50 -14.78 18.93 -2.65
N GLU A 51 -14.81 17.60 -2.81
CA GLU A 51 -15.86 16.78 -2.20
C GLU A 51 -15.79 16.82 -0.68
N ILE A 52 -14.57 16.74 -0.12
CA ILE A 52 -14.39 16.83 1.31
C ILE A 52 -14.82 18.20 1.84
N VAL A 53 -14.41 19.29 1.18
CA VAL A 53 -14.85 20.63 1.62
C VAL A 53 -16.37 20.75 1.60
N GLU A 54 -17.04 20.27 0.56
CA GLU A 54 -18.51 20.30 0.51
C GLU A 54 -19.15 19.51 1.65
N ALA A 55 -18.55 18.37 2.02
CA ALA A 55 -19.06 17.57 3.13
C ALA A 55 -18.99 18.36 4.43
N SER A 56 -17.89 19.09 4.59
CA SER A 56 -17.70 19.84 5.82
C SER A 56 -18.71 20.99 5.92
N THR A 57 -19.14 21.54 4.77
CA THR A 57 -20.09 22.68 4.81
C THR A 57 -21.48 22.22 5.21
N ARG A 58 -21.79 20.93 5.02
CA ARG A 58 -23.08 20.43 5.48
C ARG A 58 -23.01 19.79 6.87
N GLY A 59 -21.92 20.04 7.59
CA GLY A 59 -21.84 19.65 8.99
C GLY A 59 -21.08 18.40 9.38
N VAL A 60 -20.54 17.71 8.39
CA VAL A 60 -19.70 16.54 8.64
C VAL A 60 -18.36 16.98 9.23
N SER A 61 -17.92 16.33 10.32
CA SER A 61 -16.61 16.58 10.89
C SER A 61 -15.57 15.83 10.07
N VAL A 62 -14.49 16.51 9.70
CA VAL A 62 -13.46 15.91 8.86
C VAL A 62 -12.09 15.95 9.56
N TYR A 63 -11.43 14.79 9.66
CA TYR A 63 -10.10 14.67 10.26
C TYR A 63 -9.16 14.06 9.22
N ILE A 64 -8.11 14.79 8.84
CA ILE A 64 -7.16 14.38 7.79
C ILE A 64 -5.75 14.26 8.38
N LEU A 65 -5.15 13.07 8.23
CA LEU A 65 -3.78 12.78 8.67
C LEU A 65 -2.89 12.54 7.45
N LEU A 66 -1.86 13.36 7.27
CA LEU A 66 -0.97 13.33 6.12
C LEU A 66 0.46 13.03 6.52
N ASP A 67 1.17 12.26 5.71
CA ASP A 67 2.59 12.07 5.92
C ASP A 67 3.31 13.43 5.98
N GLU A 68 4.16 13.59 7.00
CA GLU A 68 4.81 14.87 7.25
C GLU A 68 5.68 15.33 6.06
N SER A 69 6.50 14.44 5.50
CA SER A 69 7.48 14.85 4.50
C SER A 69 6.83 15.31 3.19
N ASN A 70 5.58 14.92 2.97
CA ASN A 70 4.86 15.28 1.75
C ASN A 70 3.76 16.34 1.95
N PHE A 71 3.64 16.91 3.15
CA PHE A 71 2.57 17.84 3.44
C PHE A 71 2.53 19.07 2.54
N ASN A 72 3.69 19.57 2.14
CA ASN A 72 3.73 20.80 1.34
C ASN A 72 3.03 20.65 -0.02
N HIS A 73 2.96 19.44 -0.55
CA HIS A 73 2.23 19.24 -1.81
C HIS A 73 0.70 19.47 -1.62
N PHE A 74 0.16 19.09 -0.46
CA PHE A 74 -1.25 19.33 -0.16
C PHE A 74 -1.48 20.83 0.02
N LEU A 75 -0.61 21.45 0.80
CA LEU A 75 -0.76 22.87 1.05
C LEU A 75 -0.65 23.67 -0.25
N ASN A 76 0.29 23.31 -1.11
CA ASN A 76 0.42 23.97 -2.41
C ASN A 76 -0.85 23.84 -3.27
N MET A 77 -1.47 22.65 -3.27
CA MET A 77 -2.71 22.44 -4.00
C MET A 77 -3.86 23.30 -3.46
N THR A 78 -4.01 23.39 -2.14
CA THR A 78 -5.15 24.06 -1.56
C THR A 78 -5.03 25.56 -1.86
N GLU A 79 -3.80 26.05 -1.86
CA GLU A 79 -3.56 27.46 -2.15
C GLU A 79 -3.84 27.79 -3.61
N LYS A 80 -3.40 26.93 -4.53
CA LYS A 80 -3.69 27.15 -5.94
C LYS A 80 -5.19 27.20 -6.18
N GLN A 81 -5.95 26.47 -5.37
CA GLN A 81 -7.39 26.42 -5.53
C GLN A 81 -8.08 27.60 -4.84
N GLY A 82 -7.30 28.50 -4.24
CA GLY A 82 -7.86 29.66 -3.57
C GLY A 82 -8.53 29.37 -2.23
N CYS A 83 -8.11 28.28 -1.58
CA CYS A 83 -8.70 27.86 -0.32
C CYS A 83 -7.71 27.97 0.84
N SER A 84 -8.08 28.74 1.86
CA SER A 84 -7.32 28.79 3.11
C SER A 84 -7.86 27.70 4.06
N VAL A 85 -7.34 26.50 3.92
CA VAL A 85 -7.96 25.36 4.58
C VAL A 85 -7.87 25.45 6.11
N GLN A 86 -6.85 26.12 6.61
CA GLN A 86 -6.71 26.26 8.06
C GLN A 86 -7.82 27.11 8.69
N ARG A 87 -8.63 27.77 7.86
CA ARG A 87 -9.75 28.58 8.37
C ARG A 87 -11.07 27.83 8.43
N LEU A 88 -11.10 26.60 7.91
CA LEU A 88 -12.32 25.78 7.94
C LEU A 88 -12.36 24.98 9.26
N ARG A 89 -13.23 25.41 10.16
CA ARG A 89 -13.21 24.89 11.52
C ARG A 89 -13.67 23.44 11.62
N ASN A 90 -14.42 22.98 10.60
CA ASN A 90 -14.97 21.62 10.59
C ASN A 90 -13.97 20.62 10.03
N ILE A 91 -12.82 21.10 9.57
CA ILE A 91 -11.73 20.23 9.08
C ILE A 91 -10.49 20.43 9.97
N ARG A 92 -9.95 19.33 10.51
CA ARG A 92 -8.65 19.37 11.18
C ARG A 92 -7.63 18.56 10.35
N VAL A 93 -6.53 19.21 9.96
CA VAL A 93 -5.43 18.58 9.21
C VAL A 93 -4.18 18.50 10.11
N ARG A 94 -3.59 17.32 10.27
CA ARG A 94 -2.43 17.10 11.11
C ARG A 94 -1.46 16.17 10.36
N THR A 95 -0.18 16.23 10.73
CA THR A 95 0.88 15.44 10.07
C THR A 95 1.42 14.34 11.00
N VAL A 96 1.86 13.22 10.38
CA VAL A 96 2.43 12.08 11.08
C VAL A 96 3.83 11.78 10.53
N LYS A 97 4.79 11.62 11.43
CA LYS A 97 6.17 11.22 11.07
C LYS A 97 6.36 9.72 11.22
N GLY A 98 7.29 9.16 10.43
CA GLY A 98 7.77 7.80 10.63
C GLY A 98 8.72 7.69 11.83
N GLN A 99 9.53 6.64 11.82
CA GLN A 99 10.47 6.39 12.89
C GLN A 99 11.65 7.35 12.82
N ASP A 100 12.21 7.68 13.99
CA ASP A 100 13.47 8.40 14.07
C ASP A 100 14.61 7.43 13.83
N TYR A 101 15.56 7.79 12.96
CA TYR A 101 16.74 6.98 12.76
C TYR A 101 17.93 7.88 12.47
N LEU A 102 19.13 7.34 12.68
CA LEU A 102 20.34 8.12 12.52
C LEU A 102 21.03 7.67 11.25
N SER A 103 21.51 8.63 10.46
CA SER A 103 22.29 8.30 9.27
C SER A 103 23.75 8.12 9.63
N LYS A 104 24.53 7.56 8.72
CA LYS A 104 25.94 7.25 8.98
C LYS A 104 26.82 8.50 8.97
N THR A 105 26.24 9.66 8.65
CA THR A 105 26.92 10.94 8.84
C THR A 105 26.40 11.63 10.10
N GLY A 106 25.65 10.88 10.92
CA GLY A 106 25.28 11.33 12.25
C GLY A 106 24.00 12.14 12.34
N ALA A 107 23.48 12.57 11.19
CA ALA A 107 22.25 13.35 11.17
C ALA A 107 21.06 12.49 11.64
N LYS A 108 20.10 13.13 12.30
CA LYS A 108 18.89 12.46 12.76
C LYS A 108 17.73 12.77 11.81
N PHE A 109 17.27 11.73 11.13
CA PHE A 109 16.17 11.82 10.18
C PHE A 109 14.95 11.11 10.70
N HIS A 110 13.82 11.28 10.02
CA HIS A 110 12.67 10.44 10.26
C HIS A 110 12.15 9.90 8.91
N GLY A 111 11.53 8.73 8.96
CA GLY A 111 10.94 8.16 7.77
C GLY A 111 9.49 8.56 7.62
N LYS A 112 8.74 7.76 6.88
CA LYS A 112 7.41 8.12 6.42
C LYS A 112 6.31 7.26 7.03
N MET A 113 5.11 7.83 7.10
CA MET A 113 3.89 7.08 7.38
C MET A 113 3.40 6.44 6.06
N GLU A 114 3.58 5.13 5.91
CA GLU A 114 3.15 4.42 4.69
C GLU A 114 1.81 3.73 4.98
N GLN A 115 0.74 4.51 4.91
CA GLN A 115 -0.58 4.07 5.32
C GLN A 115 -1.61 4.88 4.54
N LYS A 116 -2.62 4.21 4.02
CA LYS A 116 -3.62 4.85 3.14
C LYS A 116 -5.01 4.24 3.39
N PHE A 117 -5.90 4.95 4.08
CA PHE A 117 -7.28 4.48 4.22
C PHE A 117 -8.26 5.62 4.51
N LEU A 118 -9.50 5.40 4.07
CA LEU A 118 -10.63 6.33 4.23
C LEU A 118 -11.70 5.63 5.06
N LEU A 119 -12.09 6.24 6.18
CA LEU A 119 -12.98 5.66 7.18
C LEU A 119 -14.21 6.60 7.37
N VAL A 120 -15.42 6.14 6.98
CA VAL A 120 -16.59 7.03 7.05
C VAL A 120 -17.65 6.51 8.04
N ASP A 121 -18.12 7.44 8.91
CA ASP A 121 -19.17 7.19 9.91
C ASP A 121 -18.91 5.93 10.76
N CYS A 122 -17.64 5.63 11.02
CA CYS A 122 -17.23 4.41 11.72
CA CYS A 122 -17.22 4.41 11.72
C CYS A 122 -17.97 3.17 11.21
N GLN A 123 -18.25 3.14 9.90
CA GLN A 123 -19.06 2.09 9.29
C GLN A 123 -18.52 1.48 7.99
N LYS A 124 -17.65 2.20 7.28
CA LYS A 124 -17.14 1.72 5.98
C LYS A 124 -15.73 2.23 5.77
N VAL A 125 -14.86 1.34 5.25
CA VAL A 125 -13.47 1.66 4.99
C VAL A 125 -13.04 1.36 3.55
N MET A 126 -12.25 2.24 2.96
CA MET A 126 -11.52 1.92 1.72
C MET A 126 -10.05 1.86 2.08
N TYR A 127 -9.42 0.70 1.85
CA TYR A 127 -8.02 0.48 2.22
C TYR A 127 -7.22 -0.08 1.04
N GLY A 128 -6.03 0.48 0.77
CA GLY A 128 -5.17 -0.11 -0.25
C GLY A 128 -4.05 0.79 -0.69
N SER A 129 -3.62 0.64 -1.93
CA SER A 129 -2.38 1.28 -2.40
C SER A 129 -2.59 2.52 -3.29
N TYR A 130 -3.85 2.96 -3.42
CA TYR A 130 -4.16 4.13 -4.24
C TYR A 130 -3.91 5.46 -3.46
N SER A 131 -3.06 6.35 -3.99
CA SER A 131 -2.87 7.68 -3.36
C SER A 131 -3.64 8.73 -4.16
N TYR A 132 -3.99 9.84 -3.49
CA TYR A 132 -4.89 10.82 -4.07
C TYR A 132 -4.09 11.84 -4.92
N MET A 133 -3.58 11.39 -6.06
CA MET A 133 -2.78 12.26 -6.94
C MET A 133 -2.91 11.77 -8.39
N TRP A 134 -2.51 12.64 -9.31
CA TRP A 134 -2.70 12.41 -10.75
CA TRP A 134 -2.68 12.42 -10.75
C TRP A 134 -2.02 11.13 -11.25
N SER A 135 -0.87 10.80 -10.70
CA SER A 135 -0.13 9.65 -11.19
C SER A 135 -0.89 8.36 -10.96
N PHE A 136 -1.75 8.31 -9.95
CA PHE A 136 -2.53 7.09 -9.72
C PHE A 136 -3.74 7.00 -10.64
N GLU A 137 -4.09 8.07 -11.34
CA GLU A 137 -5.10 7.99 -12.38
C GLU A 137 -4.45 7.58 -13.71
N LYS A 138 -3.35 8.25 -14.06
CA LYS A 138 -2.79 8.13 -15.41
C LYS A 138 -1.62 7.15 -15.60
N ALA A 139 -0.87 6.91 -14.53
CA ALA A 139 0.40 6.18 -14.66
C ALA A 139 0.42 4.78 -14.01
N HIS A 140 -0.09 4.64 -12.79
CA HIS A 140 0.19 3.44 -12.00
C HIS A 140 -0.92 2.40 -12.04
N LEU A 141 -0.57 1.16 -11.69
CA LEU A 141 -1.53 0.10 -11.35
C LEU A 141 -1.71 0.07 -9.82
N SER A 142 -2.95 0.06 -9.33
CA SER A 142 -3.20 -0.01 -7.89
C SER A 142 -4.50 -0.77 -7.58
N MET A 143 -4.74 -1.02 -6.31
CA MET A 143 -5.92 -1.78 -5.87
C MET A 143 -6.37 -1.28 -4.49
N VAL A 144 -7.68 -1.36 -4.20
CA VAL A 144 -8.20 -1.15 -2.84
C VAL A 144 -9.24 -2.20 -2.47
N GLN A 145 -9.49 -2.29 -1.17
CA GLN A 145 -10.58 -3.05 -0.55
C GLN A 145 -11.68 -2.08 -0.11
N ILE A 146 -12.94 -2.48 -0.30
CA ILE A 146 -14.08 -1.83 0.37
C ILE A 146 -14.53 -2.78 1.48
N ILE A 147 -14.52 -2.27 2.71
CA ILE A 147 -14.70 -3.08 3.92
C ILE A 147 -15.89 -2.61 4.78
N THR A 148 -16.77 -3.54 5.15
CA THR A 148 -17.83 -3.29 6.13
C THR A 148 -17.83 -4.40 7.19
N GLY A 149 -18.47 -4.12 8.33
CA GLY A 149 -18.56 -5.09 9.40
C GLY A 149 -17.52 -4.91 10.48
N GLN A 150 -17.21 -6.02 11.15
CA GLN A 150 -16.44 -5.99 12.40
C GLN A 150 -15.03 -5.41 12.23
N LEU A 151 -14.37 -5.70 11.12
CA LEU A 151 -13.00 -5.21 10.88
C LEU A 151 -12.91 -3.67 10.88
N VAL A 152 -14.01 -2.98 10.57
CA VAL A 152 -13.98 -1.51 10.56
C VAL A 152 -13.57 -0.96 11.95
N GLU A 153 -14.03 -1.60 13.02
CA GLU A 153 -13.64 -1.17 14.38
C GLU A 153 -12.11 -1.16 14.59
N SER A 154 -11.38 -2.08 13.95
CA SER A 154 -9.92 -2.09 14.06
C SER A 154 -9.28 -0.91 13.32
N PHE A 155 -9.89 -0.50 12.21
CA PHE A 155 -9.42 0.72 11.53
C PHE A 155 -9.72 2.00 12.36
N ASP A 156 -10.84 2.05 13.06
CA ASP A 156 -11.16 3.18 13.94
C ASP A 156 -10.13 3.27 15.06
N GLU A 157 -9.82 2.13 15.68
CA GLU A 157 -8.79 2.09 16.73
C GLU A 157 -7.44 2.59 16.20
N GLU A 158 -7.02 2.12 15.01
CA GLU A 158 -5.75 2.62 14.45
C GLU A 158 -5.80 4.12 14.12
N PHE A 159 -6.92 4.63 13.59
CA PHE A 159 -7.02 6.06 13.32
C PHE A 159 -6.85 6.87 14.62
N ARG A 160 -7.50 6.45 15.69
CA ARG A 160 -7.34 7.17 16.96
C ARG A 160 -5.89 7.15 17.49
N THR A 161 -5.21 6.01 17.29
CA THR A 161 -3.81 5.90 17.66
C THR A 161 -2.92 6.83 16.83
N LEU A 162 -3.14 6.90 15.51
CA LEU A 162 -2.34 7.82 14.68
C LEU A 162 -2.67 9.30 14.99
N TYR A 163 -3.93 9.58 15.27
CA TYR A 163 -4.36 10.94 15.62
C TYR A 163 -3.64 11.40 16.90
N ALA A 164 -3.47 10.48 17.84
CA ALA A 164 -2.73 10.80 19.08
C ALA A 164 -1.25 11.12 18.78
N ARG A 165 -0.63 10.36 17.87
CA ARG A 165 0.74 10.62 17.43
C ARG A 165 0.95 11.91 16.63
N SER A 166 -0.08 12.29 15.87
CA SER A 166 -0.02 13.38 14.91
C SER A 166 0.17 14.75 15.55
N CYS A 167 0.68 15.70 14.75
CA CYS A 167 1.04 17.04 15.20
C CYS A 167 0.39 18.10 14.32
N VAL A 168 0.20 19.30 14.83
CA VAL A 168 -0.19 20.44 13.99
C VAL A 168 0.89 20.70 12.94
N PRO A 169 0.51 20.93 11.68
CA PRO A 169 1.57 21.15 10.68
C PRO A 169 2.41 22.39 10.97
N SER A 170 3.73 22.25 10.80
CA SER A 170 4.67 23.33 11.09
C SER A 170 4.43 24.58 10.25
N SER A 171 3.93 24.42 9.03
CA SER A 171 3.55 25.56 8.20
C SER A 171 2.47 26.40 8.87
N PHE A 172 1.63 25.75 9.67
CA PHE A 172 0.55 26.45 10.36
C PHE A 172 1.05 26.99 11.71
N GLY B 4 -17.12 -15.06 5.03
CA GLY B 4 -16.34 -16.28 4.85
C GLY B 4 -14.84 -16.03 4.78
N THR B 5 -14.42 -14.86 5.28
CA THR B 5 -13.02 -14.43 5.28
C THR B 5 -12.59 -13.96 6.67
N HIS B 6 -11.43 -14.42 7.15
CA HIS B 6 -10.88 -13.91 8.42
C HIS B 6 -9.63 -13.05 8.20
N ILE B 7 -9.54 -11.95 8.96
CA ILE B 7 -8.46 -10.98 8.81
C ILE B 7 -7.89 -10.52 10.17
N ASP B 8 -6.56 -10.59 10.29
CA ASP B 8 -5.81 -10.01 11.43
C ASP B 8 -4.90 -8.88 10.95
N LEU B 9 -4.72 -7.84 11.76
CA LEU B 9 -3.82 -6.74 11.41
C LEU B 9 -2.48 -6.86 12.16
N LEU B 10 -1.38 -6.56 11.48
CA LEU B 10 -0.04 -6.45 12.10
C LEU B 10 0.56 -5.11 11.68
N PHE B 11 1.35 -4.50 12.57
CA PHE B 11 1.98 -3.21 12.35
C PHE B 11 3.49 -3.27 12.46
N HIS B 12 4.17 -2.32 11.83
CA HIS B 12 5.59 -2.12 12.13
C HIS B 12 5.87 -0.62 12.28
N PRO B 13 6.45 -0.21 13.44
CA PRO B 13 6.82 -1.01 14.61
C PRO B 13 5.65 -1.80 15.19
N PRO B 14 5.92 -2.96 15.81
CA PRO B 14 4.82 -3.81 16.30
C PRO B 14 3.98 -3.17 17.42
N ARG B 15 2.71 -3.58 17.50
CA ARG B 15 1.81 -3.14 18.57
C ARG B 15 1.56 -4.34 19.49
N ALA B 16 0.31 -4.73 19.70
CA ALA B 16 -0.03 -5.81 20.64
C ALA B 16 -0.11 -7.15 19.91
N HIS B 17 0.96 -7.53 19.26
CA HIS B 17 1.07 -8.84 18.66
C HIS B 17 2.49 -9.33 18.92
N LEU B 18 2.66 -10.64 19.06
CA LEU B 18 3.94 -11.21 19.47
C LEU B 18 5.07 -11.06 18.42
N LEU B 19 4.77 -11.38 17.15
CA LEU B 19 5.75 -11.33 16.07
C LEU B 19 5.75 -10.04 15.27
N THR B 20 6.92 -9.68 14.76
CA THR B 20 7.03 -8.58 13.80
C THR B 20 6.51 -9.02 12.41
N ILE B 21 6.27 -8.03 11.56
CA ILE B 21 5.85 -8.35 10.20
C ILE B 21 6.90 -9.24 9.50
N LYS B 22 8.19 -8.88 9.59
CA LYS B 22 9.25 -9.69 8.96
C LYS B 22 9.29 -11.12 9.50
N GLU B 23 9.18 -11.30 10.83
CA GLU B 23 9.11 -12.66 11.40
C GLU B 23 7.91 -13.44 10.87
N THR B 24 6.79 -12.73 10.62
CA THR B 24 5.59 -13.41 10.14
C THR B 24 5.76 -13.82 8.65
N ILE B 25 6.46 -12.99 7.87
CA ILE B 25 6.80 -13.32 6.48
C ILE B 25 7.64 -14.60 6.47
N ARG B 26 8.65 -14.67 7.34
CA ARG B 26 9.53 -15.88 7.34
C ARG B 26 8.73 -17.14 7.69
N LYS B 27 7.84 -17.03 8.68
CA LYS B 27 6.96 -18.11 9.08
C LYS B 27 6.04 -18.57 7.93
N MET B 28 5.42 -17.64 7.20
CA MET B 28 4.62 -18.06 6.05
C MET B 28 5.42 -18.83 4.98
N ILE B 29 6.65 -18.40 4.71
CA ILE B 29 7.49 -19.07 3.73
C ILE B 29 7.95 -20.43 4.23
N LYS B 30 8.35 -20.54 5.51
CA LYS B 30 8.78 -21.84 6.06
C LYS B 30 7.65 -22.86 6.04
N GLU B 31 6.41 -22.39 6.18
CA GLU B 31 5.27 -23.29 6.25
C GLU B 31 4.72 -23.65 4.85
N ALA B 32 5.25 -23.05 3.79
CA ALA B 32 4.79 -23.35 2.42
C ALA B 32 5.11 -24.84 2.05
N ARG B 33 4.13 -25.54 1.46
CA ARG B 33 4.30 -26.94 1.03
C ARG B 33 4.35 -27.11 -0.48
N LYS B 34 3.67 -26.21 -1.22
CA LYS B 34 3.50 -26.39 -2.66
C LYS B 34 3.88 -25.21 -3.55
N VAL B 35 3.35 -24.01 -3.23
CA VAL B 35 3.59 -22.83 -4.05
CA VAL B 35 3.59 -22.84 -4.06
C VAL B 35 3.69 -21.54 -3.22
N ILE B 36 4.64 -20.68 -3.61
CA ILE B 36 4.76 -19.31 -3.12
C ILE B 36 4.60 -18.35 -4.30
N ALA B 37 3.68 -17.40 -4.19
CA ALA B 37 3.45 -16.38 -5.20
C ALA B 37 3.62 -15.00 -4.55
N LEU B 38 4.59 -14.23 -5.03
CA LEU B 38 4.93 -12.93 -4.42
C LEU B 38 4.80 -11.81 -5.45
N VAL B 39 4.14 -10.71 -5.05
CA VAL B 39 4.06 -9.46 -5.82
C VAL B 39 4.69 -8.38 -4.95
N MET B 40 5.71 -7.70 -5.46
CA MET B 40 6.47 -6.78 -4.62
C MET B 40 7.07 -5.64 -5.43
N ASP B 41 7.12 -4.44 -4.86
CA ASP B 41 7.58 -3.28 -5.62
C ASP B 41 9.11 -3.14 -5.55
N ILE B 42 9.71 -3.34 -4.37
CA ILE B 42 11.16 -3.35 -4.21
C ILE B 42 11.56 -4.52 -3.26
N PHE B 43 12.56 -5.31 -3.64
CA PHE B 43 12.97 -6.51 -2.88
C PHE B 43 14.50 -6.54 -2.74
N THR B 44 15.00 -6.08 -1.58
CA THR B 44 16.44 -6.14 -1.28
C THR B 44 16.76 -6.80 0.08
N ASP B 45 15.77 -7.34 0.79
CA ASP B 45 16.02 -7.95 2.12
C ASP B 45 16.66 -9.34 1.95
N VAL B 46 17.90 -9.46 2.39
CA VAL B 46 18.66 -10.70 2.18
C VAL B 46 18.09 -11.88 2.97
N ASP B 47 17.55 -11.63 4.15
CA ASP B 47 17.01 -12.68 5.01
C ASP B 47 15.75 -13.32 4.42
N ILE B 48 14.87 -12.49 3.88
CA ILE B 48 13.66 -13.02 3.27
C ILE B 48 14.02 -13.76 1.96
N PHE B 49 14.94 -13.22 1.17
CA PHE B 49 15.41 -13.91 -0.03
C PHE B 49 15.96 -15.31 0.30
N LYS B 50 16.75 -15.43 1.37
CA LYS B 50 17.33 -16.74 1.73
C LYS B 50 16.24 -17.75 2.11
N GLU B 51 15.21 -17.31 2.84
CA GLU B 51 14.06 -18.20 3.15
C GLU B 51 13.40 -18.71 1.87
N ILE B 52 13.22 -17.83 0.88
CA ILE B 52 12.59 -18.23 -0.38
C ILE B 52 13.46 -19.25 -1.12
N VAL B 53 14.75 -18.98 -1.24
CA VAL B 53 15.63 -19.95 -1.89
C VAL B 53 15.57 -21.30 -1.18
N GLU B 54 15.61 -21.29 0.15
CA GLU B 54 15.52 -22.55 0.91
C GLU B 54 14.21 -23.31 0.61
N ALA B 55 13.11 -22.58 0.50
CA ALA B 55 11.85 -23.21 0.15
C ALA B 55 11.93 -23.88 -1.24
N SER B 56 12.58 -23.22 -2.19
CA SER B 56 12.67 -23.77 -3.54
C SER B 56 13.51 -25.06 -3.57
N THR B 57 14.49 -25.18 -2.67
CA THR B 57 15.33 -26.41 -2.64
C THR B 57 14.57 -27.58 -2.02
N ARG B 58 13.54 -27.23 -1.27
CA ARG B 58 12.59 -28.14 -0.63
C ARG B 58 11.58 -28.71 -1.64
N GLY B 59 11.55 -28.15 -2.85
CA GLY B 59 10.60 -28.54 -3.87
C GLY B 59 9.41 -27.60 -4.07
N VAL B 60 9.34 -26.52 -3.30
CA VAL B 60 8.26 -25.53 -3.46
C VAL B 60 8.45 -24.72 -4.76
N SER B 61 7.38 -24.56 -5.55
CA SER B 61 7.42 -23.74 -6.77
C SER B 61 7.29 -22.29 -6.34
N VAL B 62 8.15 -21.41 -6.84
CA VAL B 62 8.16 -20.00 -6.45
C VAL B 62 7.99 -19.10 -7.68
N TYR B 63 7.00 -18.20 -7.66
CA TYR B 63 6.76 -17.22 -8.71
C TYR B 63 6.86 -15.80 -8.12
N ILE B 64 7.80 -15.00 -8.61
CA ILE B 64 8.03 -13.65 -8.09
C ILE B 64 7.77 -12.61 -9.19
N LEU B 65 6.85 -11.68 -8.92
CA LEU B 65 6.53 -10.55 -9.81
C LEU B 65 7.00 -9.24 -9.19
N LEU B 66 7.91 -8.53 -9.86
CA LEU B 66 8.53 -7.31 -9.33
C LEU B 66 8.22 -6.10 -10.22
N ASP B 67 8.03 -4.93 -9.62
CA ASP B 67 7.87 -3.70 -10.41
C ASP B 67 9.09 -3.48 -11.33
N GLU B 68 8.82 -3.21 -12.59
CA GLU B 68 9.87 -3.14 -13.57
C GLU B 68 10.94 -2.07 -13.27
N SER B 69 10.56 -0.84 -12.89
CA SER B 69 11.52 0.23 -12.72
CA SER B 69 11.52 0.23 -12.72
C SER B 69 12.52 -0.03 -11.58
N ASN B 70 12.11 -0.84 -10.60
CA ASN B 70 12.95 -1.14 -9.43
C ASN B 70 13.67 -2.50 -9.51
N PHE B 71 13.51 -3.22 -10.61
CA PHE B 71 14.01 -4.60 -10.67
C PHE B 71 15.52 -4.74 -10.43
N ASN B 72 16.32 -3.78 -10.86
CA ASN B 72 17.76 -4.02 -10.81
C ASN B 72 18.27 -3.97 -9.35
N HIS B 73 17.51 -3.38 -8.44
CA HIS B 73 17.88 -3.44 -7.02
C HIS B 73 17.84 -4.87 -6.50
N PHE B 74 16.81 -5.62 -6.90
CA PHE B 74 16.72 -7.03 -6.57
C PHE B 74 17.89 -7.78 -7.21
N LEU B 75 18.12 -7.57 -8.50
CA LEU B 75 19.19 -8.32 -9.17
C LEU B 75 20.55 -8.05 -8.52
N ASN B 76 20.85 -6.80 -8.22
CA ASN B 76 22.11 -6.45 -7.55
C ASN B 76 22.25 -7.15 -6.20
N MET B 77 21.17 -7.22 -5.42
CA MET B 77 21.23 -7.90 -4.13
C MET B 77 21.55 -9.37 -4.29
N THR B 78 20.94 -10.06 -5.25
CA THR B 78 21.17 -11.49 -5.41
C THR B 78 22.61 -11.75 -5.86
N GLU B 79 23.14 -10.86 -6.69
CA GLU B 79 24.53 -11.01 -7.13
C GLU B 79 25.49 -10.81 -5.96
N LYS B 80 25.25 -9.79 -5.14
CA LYS B 80 26.13 -9.51 -4.00
C LYS B 80 26.12 -10.67 -3.02
N GLN B 81 25.02 -11.41 -2.96
CA GLN B 81 24.92 -12.57 -2.09
C GLN B 81 25.55 -13.83 -2.72
N GLY B 82 26.14 -13.68 -3.91
CA GLY B 82 26.77 -14.79 -4.61
C GLY B 82 25.80 -15.77 -5.24
N CYS B 83 24.54 -15.34 -5.41
CA CYS B 83 23.51 -16.19 -5.99
C CYS B 83 23.25 -15.84 -7.46
N SER B 84 23.27 -16.85 -8.32
CA SER B 84 22.86 -16.68 -9.72
C SER B 84 21.41 -17.12 -9.84
N VAL B 85 20.49 -16.20 -9.53
CA VAL B 85 19.09 -16.55 -9.38
C VAL B 85 18.50 -17.13 -10.70
N GLN B 86 19.05 -16.74 -11.84
CA GLN B 86 18.75 -17.38 -13.14
C GLN B 86 18.85 -18.91 -13.16
N ARG B 87 19.74 -19.45 -12.33
CA ARG B 87 20.05 -20.88 -12.36
C ARG B 87 19.08 -21.72 -11.54
N LEU B 88 18.24 -21.07 -10.73
CA LEU B 88 17.33 -21.78 -9.85
C LEU B 88 16.02 -22.06 -10.59
N ARG B 89 15.88 -23.28 -11.10
CA ARG B 89 14.80 -23.59 -12.04
C ARG B 89 13.44 -23.52 -11.36
N ASN B 90 13.42 -23.71 -10.03
CA ASN B 90 12.19 -23.76 -9.27
C ASN B 90 11.69 -22.37 -8.95
N ILE B 91 12.48 -21.34 -9.29
CA ILE B 91 12.05 -19.94 -9.10
C ILE B 91 11.89 -19.27 -10.46
N ARG B 92 10.74 -18.63 -10.70
CA ARG B 92 10.59 -17.81 -11.92
C ARG B 92 10.39 -16.35 -11.48
N VAL B 93 11.27 -15.45 -11.96
CA VAL B 93 11.17 -14.01 -11.65
C VAL B 93 10.83 -13.22 -12.91
N ARG B 94 9.78 -12.39 -12.86
CA ARG B 94 9.30 -11.63 -14.01
C ARG B 94 8.95 -10.22 -13.54
N THR B 95 8.93 -9.26 -14.48
CA THR B 95 8.63 -7.86 -14.15
C THR B 95 7.26 -7.42 -14.69
N VAL B 96 6.65 -6.46 -13.98
CA VAL B 96 5.40 -5.84 -14.39
C VAL B 96 5.55 -4.31 -14.50
N LYS B 97 5.11 -3.75 -15.65
CA LYS B 97 5.03 -2.30 -15.91
C LYS B 97 3.65 -1.75 -15.57
N GLY B 98 3.57 -0.48 -15.16
CA GLY B 98 2.31 0.24 -15.04
C GLY B 98 1.75 0.65 -16.40
N GLN B 99 0.89 1.66 -16.40
CA GLN B 99 0.24 2.12 -17.62
C GLN B 99 1.25 2.86 -18.51
N ASP B 100 1.08 2.79 -19.83
CA ASP B 100 1.80 3.69 -20.72
C ASP B 100 1.16 5.06 -20.67
N TYR B 101 1.97 6.11 -20.58
CA TYR B 101 1.42 7.47 -20.60
C TYR B 101 2.39 8.44 -21.28
N LEU B 102 1.90 9.65 -21.59
CA LEU B 102 2.73 10.72 -22.14
C LEU B 102 2.90 11.82 -21.11
N SER B 103 4.13 12.28 -20.94
CA SER B 103 4.41 13.33 -19.97
C SER B 103 3.99 14.69 -20.50
N LYS B 104 4.18 15.72 -19.67
CA LYS B 104 3.87 17.09 -20.06
C LYS B 104 4.62 17.54 -21.31
N THR B 105 5.81 16.98 -21.55
CA THR B 105 6.63 17.37 -22.69
C THR B 105 6.43 16.41 -23.85
N GLY B 106 5.53 15.43 -23.70
CA GLY B 106 5.26 14.46 -24.73
C GLY B 106 6.12 13.20 -24.78
N ALA B 107 6.97 13.00 -23.77
CA ALA B 107 7.82 11.81 -23.74
C ALA B 107 6.99 10.61 -23.28
N LYS B 108 7.34 9.43 -23.80
CA LYS B 108 6.68 8.18 -23.44
C LYS B 108 7.30 7.54 -22.20
N PHE B 109 6.49 7.31 -21.17
CA PHE B 109 6.94 6.62 -19.96
C PHE B 109 5.90 5.53 -19.59
N HIS B 110 6.26 4.65 -18.67
CA HIS B 110 5.27 3.76 -18.06
C HIS B 110 5.33 3.99 -16.56
N GLY B 111 4.21 3.73 -15.88
CA GLY B 111 4.13 3.89 -14.45
C GLY B 111 4.56 2.65 -13.70
N LYS B 112 4.19 2.61 -12.42
CA LYS B 112 4.63 1.58 -11.49
C LYS B 112 3.49 0.59 -11.20
N MET B 113 3.87 -0.65 -10.87
CA MET B 113 2.96 -1.62 -10.27
C MET B 113 2.96 -1.36 -8.77
N GLU B 114 1.93 -0.68 -8.27
CA GLU B 114 1.82 -0.38 -6.83
C GLU B 114 0.97 -1.44 -6.15
N GLN B 115 1.59 -2.56 -5.87
CA GLN B 115 0.89 -3.73 -5.40
C GLN B 115 1.86 -4.58 -4.59
N LYS B 116 1.43 -5.04 -3.43
CA LYS B 116 2.18 -6.11 -2.86
C LYS B 116 1.52 -7.00 -1.85
N PHE B 117 1.81 -8.27 -2.09
CA PHE B 117 1.15 -9.31 -1.38
C PHE B 117 1.91 -10.62 -1.58
N LEU B 118 1.82 -11.46 -0.55
CA LEU B 118 2.41 -12.79 -0.49
C LEU B 118 1.29 -13.79 -0.37
N LEU B 119 1.25 -14.72 -1.30
CA LEU B 119 0.19 -15.74 -1.42
C LEU B 119 0.78 -17.16 -1.35
N VAL B 120 0.43 -17.93 -0.31
CA VAL B 120 1.06 -19.24 -0.09
C VAL B 120 0.02 -20.38 -0.11
N ASP B 121 0.34 -21.40 -0.92
CA ASP B 121 -0.45 -22.63 -1.08
C ASP B 121 -1.93 -22.38 -1.40
N CYS B 122 -2.20 -21.27 -2.07
CA CYS B 122 -3.58 -20.87 -2.38
CA CYS B 122 -3.57 -20.80 -2.36
C CYS B 122 -4.49 -20.86 -1.15
N GLN B 123 -3.94 -20.55 0.04
CA GLN B 123 -4.82 -20.54 1.21
C GLN B 123 -4.54 -19.47 2.24
N LYS B 124 -3.47 -18.67 2.07
CA LYS B 124 -3.17 -17.59 3.02
C LYS B 124 -2.46 -16.44 2.29
N VAL B 125 -2.91 -15.21 2.58
CA VAL B 125 -2.32 -14.01 1.98
C VAL B 125 -1.84 -13.02 3.06
N MET B 126 -0.66 -12.42 2.87
CA MET B 126 -0.29 -11.19 3.58
C MET B 126 -0.35 -10.02 2.60
N TYR B 127 -1.20 -9.05 2.90
CA TYR B 127 -1.47 -7.90 2.02
C TYR B 127 -1.27 -6.58 2.75
N GLY B 128 -0.53 -5.62 2.19
CA GLY B 128 -0.42 -4.33 2.86
C GLY B 128 0.63 -3.42 2.28
N SER B 129 1.17 -2.56 3.14
CA SER B 129 2.05 -1.48 2.66
C SER B 129 3.55 -1.70 2.94
N TYR B 130 3.90 -2.82 3.57
CA TYR B 130 5.29 -3.18 3.89
C TYR B 130 6.04 -3.68 2.63
N SER B 131 7.16 -3.04 2.26
CA SER B 131 8.06 -3.51 1.19
C SER B 131 9.28 -4.23 1.79
N TYR B 132 9.90 -5.12 1.03
CA TYR B 132 10.95 -5.99 1.54
C TYR B 132 12.32 -5.31 1.43
N MET B 133 12.53 -4.28 2.24
CA MET B 133 13.74 -3.48 2.18
C MET B 133 14.02 -2.84 3.55
N TRP B 134 15.25 -2.37 3.75
CA TRP B 134 15.74 -1.93 5.07
C TRP B 134 14.93 -0.78 5.63
N SER B 135 14.51 0.10 4.75
CA SER B 135 13.79 1.31 5.19
C SER B 135 12.46 0.96 5.89
N PHE B 136 11.84 -0.16 5.52
CA PHE B 136 10.60 -0.55 6.18
C PHE B 136 10.85 -1.23 7.53
N GLU B 137 12.10 -1.60 7.82
CA GLU B 137 12.44 -2.10 9.15
C GLU B 137 12.79 -0.92 10.09
N LYS B 138 13.60 0.01 9.60
CA LYS B 138 14.19 1.03 10.48
C LYS B 138 13.62 2.45 10.37
N ALA B 139 12.93 2.77 9.26
CA ALA B 139 12.53 4.16 9.00
C ALA B 139 11.02 4.43 8.98
N HIS B 140 10.24 3.52 8.41
CA HIS B 140 8.84 3.83 8.14
C HIS B 140 7.86 3.19 9.11
N LEU B 141 6.62 3.71 9.12
CA LEU B 141 5.46 3.02 9.72
C LEU B 141 4.67 2.33 8.62
N SER B 142 4.28 1.07 8.83
CA SER B 142 3.50 0.32 7.84
C SER B 142 2.57 -0.69 8.55
N MET B 143 1.71 -1.31 7.76
CA MET B 143 0.71 -2.27 8.27
C MET B 143 0.45 -3.33 7.20
N VAL B 144 0.11 -4.56 7.63
CA VAL B 144 -0.38 -5.64 6.74
C VAL B 144 -1.60 -6.33 7.36
N GLN B 145 -2.33 -7.05 6.51
CA GLN B 145 -3.40 -7.97 6.86
C GLN B 145 -2.90 -9.40 6.64
N ILE B 146 -3.28 -10.31 7.54
CA ILE B 146 -3.16 -11.76 7.29
C ILE B 146 -4.58 -12.22 6.97
N ILE B 147 -4.76 -12.73 5.75
CA ILE B 147 -6.06 -13.10 5.20
C ILE B 147 -6.20 -14.61 4.94
N THR B 148 -7.29 -15.21 5.43
CA THR B 148 -7.66 -16.60 5.09
C THR B 148 -9.13 -16.66 4.71
N GLY B 149 -9.51 -17.73 4.02
CA GLY B 149 -10.90 -17.88 3.62
C GLY B 149 -11.13 -17.49 2.18
N GLN B 150 -12.37 -17.09 1.89
CA GLN B 150 -12.82 -17.00 0.52
C GLN B 150 -12.10 -15.91 -0.28
N LEU B 151 -11.77 -14.79 0.37
CA LEU B 151 -11.09 -13.71 -0.35
C LEU B 151 -9.74 -14.15 -0.96
N VAL B 152 -9.10 -15.19 -0.42
CA VAL B 152 -7.82 -15.65 -0.95
C VAL B 152 -7.96 -16.02 -2.44
N GLU B 153 -9.08 -16.62 -2.84
CA GLU B 153 -9.33 -16.91 -4.26
C GLU B 153 -9.24 -15.66 -5.18
N SER B 154 -9.73 -14.52 -4.71
CA SER B 154 -9.63 -13.27 -5.47
C SER B 154 -8.19 -12.84 -5.67
N PHE B 155 -7.33 -13.08 -4.67
CA PHE B 155 -5.91 -12.75 -4.81
C PHE B 155 -5.21 -13.71 -5.78
N ASP B 156 -5.64 -14.98 -5.79
CA ASP B 156 -5.09 -15.97 -6.72
C ASP B 156 -5.44 -15.56 -8.15
N GLU B 157 -6.68 -15.15 -8.37
CA GLU B 157 -7.13 -14.67 -9.69
C GLU B 157 -6.31 -13.45 -10.13
N GLU B 158 -6.13 -12.48 -9.23
CA GLU B 158 -5.32 -11.31 -9.59
C GLU B 158 -3.85 -11.69 -9.84
N PHE B 159 -3.29 -12.64 -9.10
CA PHE B 159 -1.90 -13.04 -9.35
C PHE B 159 -1.77 -13.62 -10.77
N ARG B 160 -2.71 -14.48 -11.15
CA ARG B 160 -2.68 -15.05 -12.51
C ARG B 160 -2.81 -13.98 -13.59
N THR B 161 -3.63 -12.96 -13.35
CA THR B 161 -3.77 -11.87 -14.30
C THR B 161 -2.45 -11.08 -14.38
N LEU B 162 -1.80 -10.81 -13.25
CA LEU B 162 -0.54 -10.08 -13.32
C LEU B 162 0.57 -10.91 -13.96
N TYR B 163 0.51 -12.22 -13.77
CA TYR B 163 1.55 -13.11 -14.32
C TYR B 163 1.44 -13.09 -15.84
N ALA B 164 0.20 -13.05 -16.33
CA ALA B 164 -0.05 -12.96 -17.78
C ALA B 164 0.54 -11.68 -18.38
N ARG B 165 0.38 -10.56 -17.66
CA ARG B 165 0.94 -9.27 -18.05
C ARG B 165 2.45 -9.16 -17.98
N SER B 166 3.04 -9.92 -17.06
CA SER B 166 4.45 -9.81 -16.76
C SER B 166 5.36 -10.31 -17.89
N CYS B 167 6.61 -9.83 -17.85
CA CYS B 167 7.64 -10.13 -18.86
C CYS B 167 8.91 -10.68 -18.24
N VAL B 168 9.70 -11.43 -19.03
CA VAL B 168 11.07 -11.80 -18.63
C VAL B 168 11.86 -10.52 -18.42
N PRO B 169 12.60 -10.40 -17.29
CA PRO B 169 13.35 -9.16 -17.05
C PRO B 169 14.39 -8.85 -18.15
N SER B 170 14.40 -7.61 -18.63
CA SER B 170 15.33 -7.18 -19.69
C SER B 170 16.80 -7.39 -19.28
N SER B 171 17.07 -7.26 -18.00
CA SER B 171 18.42 -7.40 -17.47
C SER B 171 18.94 -8.84 -17.55
N PHE B 172 18.07 -9.80 -17.89
CA PHE B 172 18.49 -11.21 -18.04
C PHE B 172 18.95 -11.52 -19.46
I IOD C . -22.15 9.25 -6.03
I IOD D . 4.27 9.20 -8.18
I IOD E . -12.28 24.28 -2.73
I IOD F . 1.41 19.53 18.09
C1 EDO G . -4.86 22.68 12.16
O1 EDO G . -4.56 21.33 12.50
C2 EDO G . -6.18 22.83 11.42
O2 EDO G . -6.18 22.13 10.15
H11 EDO G . -4.89 23.27 13.08
H12 EDO G . -4.05 23.08 11.54
HO1 EDO G . -3.72 21.28 12.97
H21 EDO G . -6.37 23.90 11.22
H22 EDO G . -7.00 22.47 12.04
HO2 EDO G . -7.02 22.24 9.71
C1 EDO H . 0.61 2.67 10.71
O1 EDO H . -0.82 2.51 10.74
C2 EDO H . 1.36 1.56 11.47
O2 EDO H . 1.07 1.62 12.88
H11 EDO H . 0.94 2.67 9.67
H12 EDO H . 0.88 3.64 11.13
HO1 EDO H . -1.24 3.24 10.25
H21 EDO H . 1.05 0.58 11.08
H22 EDO H . 2.43 1.66 11.32
HO2 EDO H . 1.55 0.90 13.34
C1 EDO I . -7.80 5.13 0.30
O1 EDO I . -9.03 5.80 -0.16
C2 EDO I . -7.38 3.98 -0.64
O2 EDO I . -5.94 3.73 -0.81
H11 EDO I . -7.97 4.73 1.30
H12 EDO I . -6.99 5.86 0.37
HO1 EDO I . -9.26 6.51 0.45
H21 EDO I . -7.80 4.19 -1.62
H22 EDO I . -7.85 3.07 -0.28
HO2 EDO I . -5.81 2.99 -1.42
C1 EDO J . -16.42 -12.02 0.50
O1 EDO J . -15.70 -11.11 1.35
C2 EDO J . -15.84 -13.41 0.68
O2 EDO J . -15.84 -13.70 2.07
H11 EDO J . -17.48 -12.02 0.79
H12 EDO J . -16.34 -11.70 -0.53
HO1 EDO J . -16.05 -10.22 1.25
H21 EDO J . -16.45 -14.14 0.15
H22 EDO J . -14.83 -13.45 0.28
HO2 EDO J . -15.47 -14.58 2.21
C1 EDO K . 13.37 -15.91 -15.85
O1 EDO K . 12.09 -15.28 -15.76
C2 EDO K . 13.62 -16.90 -14.72
O2 EDO K . 13.69 -16.25 -13.43
H11 EDO K . 13.45 -16.43 -16.81
H12 EDO K . 14.15 -15.14 -15.84
HO1 EDO K . 11.99 -14.67 -16.50
H21 EDO K . 12.80 -17.63 -14.70
H22 EDO K . 14.54 -17.44 -14.90
HO2 EDO K . 13.84 -16.92 -12.74
C1 EDO L . -4.05 -3.53 -10.17
O1 EDO L . -4.78 -4.23 -11.19
C2 EDO L . -2.78 -4.31 -9.72
O2 EDO L . -3.10 -5.49 -8.97
H11 EDO L . -3.74 -2.55 -10.55
H12 EDO L . -4.69 -3.37 -9.31
HO1 EDO L . -5.56 -3.71 -11.44
H21 EDO L . -2.21 -4.60 -10.62
H22 EDO L . -2.14 -3.67 -9.13
HO2 EDO L . -2.29 -5.94 -8.72
C1 EDO M . -0.24 -19.85 -6.87
O1 EDO M . -1.37 -19.33 -6.15
C2 EDO M . -0.37 -19.68 -8.38
O2 EDO M . -1.45 -18.80 -8.73
H11 EDO M . -0.13 -20.91 -6.64
H12 EDO M . 0.67 -19.35 -6.53
HO1 EDO M . -1.23 -19.47 -5.20
H21 EDO M . 0.56 -19.28 -8.79
H22 EDO M . -0.54 -20.65 -8.85
HO2 EDO M . -1.50 -18.71 -9.69
#